data_2VWV
#
_entry.id   2VWV
#
_cell.length_a   47.154
_cell.length_b   52.872
_cell.length_c   57.090
_cell.angle_alpha   90.00
_cell.angle_beta   110.06
_cell.angle_gamma   90.00
#
_symmetry.space_group_name_H-M   'P 1 21 1'
#
loop_
_entity.id
_entity.type
_entity.pdbx_description
1 polymer 'EPHRIN TYPE-B RECEPTOR 4'
2 non-polymer "N'-(3-CHLORO-4-METHOXY-PHENYL)-N-(3,4,5-TRIMETHOXYPHENYL)-1,3,5-TRIAZINE-2,4-DIAMINE"
3 water water
#
_entity_poly.entity_id   1
_entity_poly.type   'polypeptide(L)'
_entity_poly.pdbx_seq_one_letter_code
;DPNEAVREFAKEIDVSYVKIEEVIGAGEFGEVCRGRLKAPGKKESCVAIKTLKGGYTERQRREFLSEASIMGQFEHPNII
RLEGVVTNSMPVMILTEFMENGALDSFLRLNDGQFTVIQLVGMLRGIASGMRYLAEMSYVHRDLAARNILVNSNLVCKVS
DFGLSRFLEENSSDPTETSSLGGKIPIRWTAPEAIAFRKFTSASDAWSYGIVMWEVMSFGERPYWDMSNQDVINAIEQDY
RLPPPPDCPTSLHQLMLDCWQKDRNARPRFPQVVSALDKMIRNPASLKIVARENGGASHPLL
;
_entity_poly.pdbx_strand_id   A
#
# COMPACT_ATOMS: atom_id res chain seq x y z
N PHE A 9 -7.94 3.39 -24.20
CA PHE A 9 -7.51 2.54 -23.05
C PHE A 9 -8.32 1.25 -23.07
N ALA A 10 -8.00 0.34 -22.17
CA ALA A 10 -8.82 -0.85 -21.95
C ALA A 10 -9.31 -0.82 -20.51
N LYS A 11 -10.50 -1.35 -20.33
CA LYS A 11 -11.37 -1.00 -19.21
C LYS A 11 -12.00 0.36 -19.49
N GLU A 12 -11.85 0.87 -20.73
CA GLU A 12 -12.58 2.05 -21.15
C GLU A 12 -14.06 1.77 -20.91
N ILE A 13 -14.73 2.74 -20.29
CA ILE A 13 -16.12 2.61 -19.96
C ILE A 13 -16.88 3.88 -20.31
N ASP A 14 -18.08 3.70 -20.81
CA ASP A 14 -18.95 4.82 -21.14
C ASP A 14 -19.42 5.50 -19.86
N VAL A 15 -19.34 6.83 -19.80
CA VAL A 15 -19.64 7.56 -18.56
C VAL A 15 -21.08 7.37 -18.07
N SER A 16 -21.98 7.00 -18.99
CA SER A 16 -23.37 6.72 -18.64
C SER A 16 -23.56 5.56 -17.67
N TYR A 17 -22.59 4.66 -17.62
CA TYR A 17 -22.64 3.52 -16.72
C TYR A 17 -22.09 3.87 -15.31
N VAL A 18 -21.79 5.15 -15.08
CA VAL A 18 -21.16 5.59 -13.82
C VAL A 18 -22.10 6.50 -13.03
N LYS A 19 -22.42 6.11 -11.80
CA LYS A 19 -23.19 6.96 -10.89
C LYS A 19 -22.26 7.46 -9.78
N ILE A 20 -21.94 8.76 -9.81
CA ILE A 20 -21.18 9.40 -8.74
C ILE A 20 -22.09 9.70 -7.56
N GLU A 21 -21.65 9.32 -6.37
CA GLU A 21 -22.36 9.66 -5.15
C GLU A 21 -21.39 10.50 -4.31
N GLU A 22 -21.42 10.34 -2.99
CA GLU A 22 -20.58 11.10 -2.04
C GLU A 22 -19.18 11.44 -2.57
N VAL A 23 -18.74 12.68 -2.35
CA VAL A 23 -17.32 13.03 -2.41
C VAL A 23 -16.70 12.50 -1.12
N ILE A 24 -15.63 11.72 -1.23
CA ILE A 24 -14.95 11.16 -0.04
C ILE A 24 -13.52 11.67 0.21
N GLY A 25 -12.97 12.47 -0.71
CA GLY A 25 -11.60 12.87 -0.57
C GLY A 25 -11.19 13.91 -1.58
N ALA A 26 -9.96 14.35 -1.43
CA ALA A 26 -9.37 15.37 -2.26
C ALA A 26 -8.10 14.80 -2.87
N GLY A 27 -8.03 14.82 -4.20
CA GLY A 27 -6.87 14.27 -4.92
C GLY A 27 -5.89 15.31 -5.45
N GLU A 28 -4.74 14.81 -5.90
CA GLU A 28 -3.74 15.61 -6.57
C GLU A 28 -4.37 16.39 -7.71
N PHE A 29 -5.16 15.69 -8.53
CA PHE A 29 -5.75 16.25 -9.75
C PHE A 29 -7.25 16.58 -9.65
N GLY A 30 -7.82 16.51 -8.45
CA GLY A 30 -9.24 16.82 -8.27
C GLY A 30 -9.92 15.98 -7.21
N GLU A 31 -11.22 15.80 -7.36
CA GLU A 31 -12.05 15.11 -6.35
C GLU A 31 -12.03 13.61 -6.49
N VAL A 32 -12.18 12.93 -5.35
CA VAL A 32 -12.41 11.50 -5.32
C VAL A 32 -13.78 11.21 -4.70
N CYS A 33 -14.57 10.41 -5.40
CA CYS A 33 -15.91 10.09 -5.02
C CYS A 33 -16.11 8.61 -4.79
N ARG A 34 -17.11 8.29 -3.97
CA ARG A 34 -17.73 6.99 -3.97
C ARG A 34 -18.88 7.01 -4.99
N GLY A 35 -19.13 5.85 -5.62
CA GLY A 35 -20.25 5.70 -6.53
C GLY A 35 -20.49 4.26 -6.91
N ARG A 36 -21.19 4.07 -8.02
CA ARG A 36 -21.54 2.74 -8.47
C ARG A 36 -21.29 2.61 -9.97
N LEU A 37 -20.99 1.39 -10.39
CA LEU A 37 -20.70 1.11 -11.77
C LEU A 37 -21.67 0.05 -12.21
N LYS A 38 -22.54 0.40 -13.16
CA LYS A 38 -23.45 -0.57 -13.76
C LYS A 38 -23.12 -0.77 -15.24
N ALA A 39 -22.30 -1.77 -15.54
CA ALA A 39 -22.07 -2.20 -16.93
C ALA A 39 -23.16 -3.20 -17.34
N PRO A 40 -23.75 -3.05 -18.54
CA PRO A 40 -24.83 -3.99 -18.92
C PRO A 40 -24.35 -5.43 -19.04
N GLY A 41 -25.20 -6.37 -18.62
CA GLY A 41 -24.80 -7.74 -18.40
C GLY A 41 -24.29 -7.95 -16.98
N LYS A 42 -23.24 -7.21 -16.61
CA LYS A 42 -22.56 -7.38 -15.32
C LYS A 42 -23.35 -6.84 -14.11
N LYS A 43 -23.06 -7.38 -12.93
CA LYS A 43 -23.70 -6.93 -11.70
C LYS A 43 -23.19 -5.54 -11.37
N GLU A 44 -24.06 -4.70 -10.81
CA GLU A 44 -23.69 -3.34 -10.42
C GLU A 44 -22.66 -3.48 -9.31
N SER A 45 -21.54 -2.77 -9.40
CA SER A 45 -20.55 -2.78 -8.30
C SER A 45 -20.31 -1.40 -7.69
N CYS A 46 -19.60 -1.39 -6.57
CA CYS A 46 -19.26 -0.17 -5.85
C CYS A 46 -17.86 0.26 -6.21
N VAL A 47 -17.70 1.54 -6.54
CA VAL A 47 -16.42 2.04 -6.98
C VAL A 47 -16.04 3.36 -6.28
N ALA A 48 -14.73 3.57 -6.15
CA ALA A 48 -14.14 4.87 -5.92
C ALA A 48 -13.82 5.47 -7.28
N ILE A 49 -14.06 6.77 -7.42
CA ILE A 49 -13.96 7.45 -8.70
C ILE A 49 -13.07 8.68 -8.52
N LYS A 50 -11.91 8.68 -9.18
CA LYS A 50 -11.08 9.89 -9.25
C LYS A 50 -11.45 10.61 -10.54
N THR A 51 -11.62 11.92 -10.44
CA THR A 51 -12.02 12.74 -11.58
C THR A 51 -10.93 13.79 -11.80
N LEU A 52 -10.64 14.09 -13.07
CA LEU A 52 -9.65 15.12 -13.42
C LEU A 52 -10.36 16.44 -13.67
N THR A 57 -3.02 20.84 -18.38
CA THR A 57 -2.25 20.36 -19.52
C THR A 57 -2.66 18.97 -19.99
N GLU A 58 -2.32 18.68 -21.24
CA GLU A 58 -2.29 17.30 -21.72
C GLU A 58 -1.26 16.51 -20.91
N ARG A 59 -0.16 17.17 -20.55
CA ARG A 59 0.80 16.57 -19.61
C ARG A 59 0.08 15.99 -18.42
N GLN A 60 -0.71 16.81 -17.70
CA GLN A 60 -1.43 16.37 -16.50
C GLN A 60 -2.48 15.29 -16.82
N ARG A 61 -3.15 15.41 -17.95
CA ARG A 61 -4.09 14.37 -18.34
C ARG A 61 -3.36 13.02 -18.51
N ARG A 62 -2.28 13.03 -19.28
CA ARG A 62 -1.50 11.82 -19.55
C ARG A 62 -0.97 11.18 -18.25
N GLU A 63 -0.54 12.04 -17.33
CA GLU A 63 -0.05 11.62 -16.04
C GLU A 63 -1.16 10.99 -15.17
N PHE A 64 -2.25 11.74 -15.02
CA PHE A 64 -3.41 11.28 -14.26
C PHE A 64 -3.77 9.86 -14.68
N LEU A 65 -3.89 9.65 -15.98
CA LEU A 65 -4.27 8.37 -16.56
C LEU A 65 -3.21 7.28 -16.57
N SER A 66 -1.96 7.66 -16.36
CA SER A 66 -0.90 6.67 -16.37
C SER A 66 -1.15 5.63 -15.26
N GLU A 67 -1.62 6.07 -14.10
CA GLU A 67 -1.92 5.10 -13.03
C GLU A 67 -2.95 4.03 -13.42
N ALA A 68 -3.89 4.38 -14.31
CA ALA A 68 -4.80 3.40 -14.87
C ALA A 68 -4.11 2.42 -15.81
N SER A 69 -3.14 2.90 -16.59
CA SER A 69 -2.41 2.05 -17.51
C SER A 69 -1.53 1.06 -16.74
N ILE A 70 -0.92 1.55 -15.67
CA ILE A 70 -0.08 0.72 -14.79
C ILE A 70 -0.94 -0.26 -13.99
N MET A 71 -1.97 0.26 -13.33
CA MET A 71 -2.87 -0.56 -12.54
C MET A 71 -3.62 -1.61 -13.38
N GLY A 72 -3.89 -1.28 -14.64
CA GLY A 72 -4.51 -2.19 -15.59
C GLY A 72 -3.74 -3.47 -15.89
N GLN A 73 -2.43 -3.48 -15.63
CA GLN A 73 -1.58 -4.68 -15.86
C GLN A 73 -1.79 -5.77 -14.82
N PHE A 74 -2.29 -5.40 -13.63
CA PHE A 74 -2.25 -6.26 -12.46
C PHE A 74 -3.59 -6.89 -12.21
N GLU A 75 -3.57 -8.13 -11.74
CA GLU A 75 -4.74 -8.81 -11.19
C GLU A 75 -4.28 -9.69 -10.01
N HIS A 76 -4.59 -9.27 -8.78
CA HIS A 76 -4.17 -9.98 -7.57
C HIS A 76 -5.07 -9.47 -6.47
N PRO A 77 -5.51 -10.36 -5.55
CA PRO A 77 -6.43 -9.95 -4.48
C PRO A 77 -5.91 -8.91 -3.51
N ASN A 78 -4.59 -8.74 -3.44
CA ASN A 78 -3.98 -7.69 -2.60
C ASN A 78 -3.38 -6.53 -3.39
N ILE A 79 -3.86 -6.33 -4.62
CA ILE A 79 -3.52 -5.18 -5.47
C ILE A 79 -4.85 -4.58 -5.90
N ILE A 80 -5.02 -3.28 -5.74
CA ILE A 80 -6.32 -2.64 -6.01
C ILE A 80 -6.67 -2.89 -7.48
N ARG A 81 -7.92 -3.23 -7.76
CA ARG A 81 -8.38 -3.54 -9.11
C ARG A 81 -8.93 -2.30 -9.82
N LEU A 82 -8.47 -2.10 -11.04
CA LEU A 82 -9.03 -1.08 -11.94
C LEU A 82 -10.34 -1.62 -12.50
N GLU A 83 -11.45 -0.99 -12.16
CA GLU A 83 -12.74 -1.41 -12.69
C GLU A 83 -13.04 -0.69 -14.00
N GLY A 84 -12.42 0.47 -14.25
CA GLY A 84 -12.69 1.21 -15.48
C GLY A 84 -12.06 2.58 -15.56
N VAL A 85 -11.94 3.08 -16.79
CA VAL A 85 -11.51 4.46 -17.09
C VAL A 85 -12.47 5.15 -18.06
N VAL A 86 -12.53 6.47 -17.95
CA VAL A 86 -13.29 7.34 -18.86
C VAL A 86 -12.27 8.31 -19.42
N THR A 87 -11.99 8.18 -20.71
CA THR A 87 -10.98 9.00 -21.39
C THR A 87 -11.52 9.63 -22.67
N ASN A 88 -12.72 9.22 -23.07
CA ASN A 88 -13.36 9.72 -24.27
C ASN A 88 -14.14 11.00 -24.04
N SER A 89 -14.34 11.39 -22.78
CA SER A 89 -15.13 12.58 -22.43
C SER A 89 -14.61 13.26 -21.15
N MET A 90 -15.22 14.40 -20.81
CA MET A 90 -14.87 15.15 -19.60
C MET A 90 -15.98 15.12 -18.53
N PRO A 91 -15.61 15.02 -17.24
CA PRO A 91 -14.25 14.82 -16.73
C PRO A 91 -13.73 13.42 -16.98
N VAL A 92 -12.41 13.34 -17.09
CA VAL A 92 -11.70 12.09 -17.24
C VAL A 92 -11.80 11.38 -15.88
N MET A 93 -11.96 10.06 -15.86
CA MET A 93 -12.10 9.34 -14.56
C MET A 93 -11.36 8.03 -14.46
N ILE A 94 -11.00 7.68 -13.23
CA ILE A 94 -10.38 6.39 -12.96
C ILE A 94 -11.26 5.75 -11.90
N LEU A 95 -11.77 4.57 -12.21
CA LEU A 95 -12.64 3.85 -11.28
C LEU A 95 -11.94 2.63 -10.75
N THR A 96 -11.85 2.54 -9.43
CA THR A 96 -11.30 1.37 -8.73
C THR A 96 -12.35 0.66 -7.81
N GLU A 97 -12.14 -0.62 -7.56
CA GLU A 97 -13.00 -1.38 -6.64
C GLU A 97 -13.08 -0.63 -5.32
N PHE A 98 -14.27 -0.48 -4.75
CA PHE A 98 -14.42 0.34 -3.55
C PHE A 98 -13.97 -0.41 -2.31
N MET A 99 -13.10 0.22 -1.51
CA MET A 99 -12.61 -0.34 -0.26
C MET A 99 -13.23 0.41 0.92
N GLU A 100 -14.12 -0.25 1.67
CA GLU A 100 -14.99 0.42 2.64
C GLU A 100 -14.25 1.01 3.85
N ASN A 101 -13.09 0.46 4.23
CA ASN A 101 -12.37 0.88 5.46
C ASN A 101 -11.21 1.87 5.22
N GLY A 102 -11.08 2.31 3.99
CA GLY A 102 -10.15 3.37 3.60
C GLY A 102 -8.72 2.98 3.81
N ALA A 103 -7.91 3.94 4.20
CA ALA A 103 -6.49 3.85 4.22
C ALA A 103 -6.11 3.11 5.49
N LEU A 104 -5.15 2.18 5.37
CA LEU A 104 -4.78 1.30 6.49
C LEU A 104 -4.30 2.05 7.73
N ASP A 105 -3.52 3.10 7.57
CA ASP A 105 -2.99 3.84 8.73
C ASP A 105 -4.07 4.51 9.57
N SER A 106 -5.01 5.23 8.95
CA SER A 106 -6.10 5.81 9.71
C SER A 106 -7.09 4.77 10.22
N PHE A 107 -7.34 3.74 9.44
CA PHE A 107 -8.18 2.64 9.91
C PHE A 107 -7.62 2.01 11.18
N LEU A 108 -6.31 1.80 11.24
CA LEU A 108 -5.69 1.21 12.44
C LEU A 108 -5.69 2.19 13.62
N ARG A 109 -5.49 3.48 13.37
CA ARG A 109 -5.59 4.48 14.43
C ARG A 109 -6.97 4.48 15.11
N LEU A 110 -8.00 4.36 14.29
CA LEU A 110 -9.36 4.22 14.74
C LEU A 110 -9.56 2.95 15.61
N ASN A 111 -8.74 1.92 15.37
CA ASN A 111 -8.88 0.63 16.00
C ASN A 111 -7.67 0.23 16.83
N ASP A 112 -7.03 1.21 17.46
CA ASP A 112 -5.77 1.00 18.16
C ASP A 112 -5.92 -0.03 19.24
N GLY A 113 -5.11 -1.09 19.20
CA GLY A 113 -5.16 -2.17 20.20
C GLY A 113 -6.32 -3.14 20.06
N GLN A 114 -7.16 -3.00 19.02
CA GLN A 114 -8.43 -3.73 18.99
C GLN A 114 -8.46 -4.92 18.04
N PHE A 115 -7.38 -5.13 17.31
CA PHE A 115 -7.28 -6.29 16.44
C PHE A 115 -6.21 -7.20 17.07
N THR A 116 -6.41 -8.51 16.95
CA THR A 116 -5.44 -9.47 17.52
C THR A 116 -4.16 -9.50 16.71
N VAL A 117 -3.09 -10.02 17.32
CA VAL A 117 -1.83 -10.20 16.62
C VAL A 117 -2.03 -11.06 15.36
N ILE A 118 -2.86 -12.12 15.46
CA ILE A 118 -3.17 -12.95 14.28
C ILE A 118 -3.81 -12.17 13.18
N GLN A 119 -4.74 -11.26 13.51
CA GLN A 119 -5.41 -10.47 12.48
C GLN A 119 -4.45 -9.54 11.78
N LEU A 120 -3.59 -8.91 12.57
CA LEU A 120 -2.61 -7.97 12.07
C LEU A 120 -1.60 -8.66 11.15
N VAL A 121 -1.18 -9.86 11.54
CA VAL A 121 -0.29 -10.67 10.68
C VAL A 121 -0.99 -11.05 9.40
N GLY A 122 -2.28 -11.38 9.45
CA GLY A 122 -3.04 -11.61 8.22
C GLY A 122 -3.05 -10.40 7.28
N MET A 123 -3.17 -9.20 7.85
CA MET A 123 -3.10 -7.98 7.05
C MET A 123 -1.72 -7.85 6.40
N LEU A 124 -0.67 -8.04 7.21
CA LEU A 124 0.70 -7.99 6.73
C LEU A 124 1.04 -9.04 5.70
N ARG A 125 0.48 -10.23 5.86
CA ARG A 125 0.68 -11.27 4.86
C ARG A 125 0.02 -10.91 3.53
N GLY A 126 -1.16 -10.32 3.61
CA GLY A 126 -1.84 -9.80 2.45
C GLY A 126 -0.99 -8.79 1.72
N ILE A 127 -0.43 -7.84 2.44
CA ILE A 127 0.41 -6.82 1.80
C ILE A 127 1.65 -7.43 1.18
N ALA A 128 2.26 -8.39 1.90
CA ALA A 128 3.46 -9.05 1.42
C ALA A 128 3.19 -9.90 0.18
N SER A 129 2.01 -10.54 0.10
CA SER A 129 1.61 -11.26 -1.09
C SER A 129 1.46 -10.29 -2.30
N GLY A 130 0.78 -9.17 -2.06
CA GLY A 130 0.68 -8.10 -3.10
C GLY A 130 2.03 -7.71 -3.64
N MET A 131 2.99 -7.49 -2.71
CA MET A 131 4.36 -7.12 -3.08
C MET A 131 5.16 -8.23 -3.79
N ARG A 132 5.03 -9.46 -3.30
CA ARG A 132 5.59 -10.65 -3.96
C ARG A 132 5.16 -10.69 -5.42
N TYR A 133 3.88 -10.40 -5.65
CA TYR A 133 3.33 -10.31 -6.99
C TYR A 133 3.98 -9.18 -7.79
N LEU A 134 4.10 -7.99 -7.21
CA LEU A 134 4.68 -6.85 -7.92
C LEU A 134 6.13 -7.14 -8.29
N ALA A 135 6.90 -7.64 -7.34
CA ALA A 135 8.29 -7.97 -7.61
C ALA A 135 8.41 -9.03 -8.69
N GLU A 136 7.53 -10.03 -8.67
CA GLU A 136 7.48 -11.09 -9.71
C GLU A 136 7.23 -10.48 -11.10
N MET A 137 6.42 -9.44 -11.15
CA MET A 137 6.15 -8.73 -12.39
C MET A 137 7.16 -7.61 -12.66
N SER A 138 8.32 -7.64 -11.98
CA SER A 138 9.38 -6.60 -12.08
C SER A 138 8.85 -5.16 -11.97
N TYR A 139 7.89 -4.93 -11.07
CA TYR A 139 7.40 -3.60 -10.81
C TYR A 139 7.88 -3.20 -9.44
N VAL A 140 8.49 -2.03 -9.35
CA VAL A 140 9.01 -1.47 -8.11
C VAL A 140 8.05 -0.36 -7.72
N HIS A 141 7.61 -0.38 -6.48
CA HIS A 141 6.56 0.55 -6.08
C HIS A 141 7.07 1.97 -5.71
N ARG A 142 8.11 2.04 -4.90
CA ARG A 142 8.76 3.30 -4.46
C ARG A 142 8.08 4.10 -3.36
N ASP A 143 6.80 3.85 -3.11
CA ASP A 143 6.07 4.56 -2.03
C ASP A 143 5.14 3.63 -1.24
N LEU A 144 5.68 2.49 -0.83
CA LEU A 144 4.97 1.55 0.01
C LEU A 144 4.95 2.10 1.44
N ALA A 145 3.75 2.37 1.91
CA ALA A 145 3.49 2.96 3.21
C ALA A 145 2.09 2.55 3.58
N ALA A 146 1.75 2.57 4.86
CA ALA A 146 0.44 2.19 5.29
C ALA A 146 -0.64 3.12 4.71
N ARG A 147 -0.29 4.39 4.49
CA ARG A 147 -1.23 5.36 3.89
C ARG A 147 -1.62 5.11 2.45
N ASN A 148 -0.84 4.25 1.80
CA ASN A 148 -1.05 3.85 0.43
C ASN A 148 -1.58 2.41 0.30
N ILE A 149 -2.06 1.83 1.40
CA ILE A 149 -2.70 0.53 1.45
C ILE A 149 -4.16 0.76 1.81
N LEU A 150 -5.06 0.09 1.12
CA LEU A 150 -6.49 0.25 1.38
C LEU A 150 -7.03 -1.04 1.97
N VAL A 151 -8.14 -0.91 2.70
CA VAL A 151 -8.71 -2.00 3.51
C VAL A 151 -10.20 -2.13 3.23
N ASN A 152 -10.65 -3.33 2.94
CA ASN A 152 -12.11 -3.59 2.72
C ASN A 152 -12.80 -4.13 3.96
N SER A 153 -14.09 -4.44 3.86
CA SER A 153 -14.84 -4.71 5.08
C SER A 153 -14.46 -6.08 5.67
N ASN A 154 -13.82 -6.94 4.88
CA ASN A 154 -13.35 -8.22 5.40
C ASN A 154 -11.88 -8.13 5.84
N LEU A 155 -11.37 -6.91 5.95
CA LEU A 155 -9.99 -6.66 6.42
C LEU A 155 -8.88 -7.07 5.45
N VAL A 156 -9.28 -7.34 4.21
CA VAL A 156 -8.33 -7.60 3.13
C VAL A 156 -7.61 -6.30 2.73
N CYS A 157 -6.27 -6.35 2.70
CA CYS A 157 -5.48 -5.17 2.43
C CYS A 157 -4.99 -5.22 1.00
N LYS A 158 -5.04 -4.08 0.33
CA LYS A 158 -4.66 -3.97 -1.05
C LYS A 158 -3.70 -2.78 -1.28
N VAL A 159 -2.60 -3.08 -1.93
CA VAL A 159 -1.65 -2.06 -2.36
C VAL A 159 -2.31 -1.17 -3.40
N SER A 160 -2.13 0.12 -3.20
N SER A 160 -2.16 0.12 -3.21
CA SER A 160 -2.68 1.14 -4.07
CA SER A 160 -2.68 1.12 -4.12
C SER A 160 -1.59 2.17 -4.39
C SER A 160 -1.59 2.17 -4.41
N ASP A 161 -2.00 3.26 -5.06
CA ASP A 161 -1.12 4.35 -5.43
C ASP A 161 -0.08 3.90 -6.45
N PHE A 162 -0.55 3.70 -7.67
CA PHE A 162 0.27 3.41 -8.83
C PHE A 162 0.31 4.63 -9.75
N LYS A 184 10.93 14.85 -3.35
CA LYS A 184 9.65 14.14 -3.34
C LYS A 184 9.74 12.71 -2.79
N ILE A 185 10.88 12.38 -2.18
CA ILE A 185 11.09 11.04 -1.67
C ILE A 185 10.45 10.93 -0.27
N PRO A 186 9.56 9.94 -0.07
CA PRO A 186 9.09 9.65 1.31
C PRO A 186 10.20 9.16 2.22
N ILE A 187 10.90 10.09 2.85
CA ILE A 187 12.20 9.78 3.49
C ILE A 187 12.08 8.63 4.49
N ARG A 188 11.11 8.69 5.38
CA ARG A 188 11.04 7.68 6.45
C ARG A 188 10.63 6.26 6.01
N TRP A 189 10.15 6.11 4.78
CA TRP A 189 9.79 4.79 4.26
C TRP A 189 10.89 4.25 3.32
N THR A 190 11.91 5.07 3.03
CA THR A 190 12.83 4.78 1.95
C THR A 190 14.19 4.22 2.41
N ALA A 191 14.64 3.19 1.71
CA ALA A 191 15.88 2.57 2.04
C ALA A 191 17.01 3.58 1.86
N PRO A 192 18.04 3.50 2.72
CA PRO A 192 19.20 4.39 2.69
C PRO A 192 19.82 4.57 1.31
N GLU A 193 20.05 3.47 0.60
CA GLU A 193 20.67 3.48 -0.70
C GLU A 193 19.75 4.09 -1.78
N ALA A 194 18.43 3.94 -1.62
CA ALA A 194 17.47 4.61 -2.51
C ALA A 194 17.47 6.10 -2.29
N ILE A 195 17.54 6.53 -1.03
CA ILE A 195 17.77 7.96 -0.73
C ILE A 195 19.12 8.44 -1.31
N ALA A 196 20.21 7.71 -1.06
CA ALA A 196 21.52 8.16 -1.55
C ALA A 196 21.59 8.22 -3.09
N PHE A 197 21.11 7.19 -3.78
CA PHE A 197 21.24 7.12 -5.27
C PHE A 197 20.02 7.57 -6.07
N ARG A 198 18.94 7.92 -5.40
CA ARG A 198 17.64 8.12 -6.07
C ARG A 198 17.33 7.02 -7.08
N LYS A 199 17.64 5.78 -6.72
CA LYS A 199 17.21 4.62 -7.50
C LYS A 199 16.58 3.53 -6.59
N PHE A 200 15.59 2.82 -7.13
CA PHE A 200 14.75 1.96 -6.35
C PHE A 200 14.70 0.55 -6.92
N THR A 201 14.67 -0.41 -6.02
CA THR A 201 14.60 -1.82 -6.39
C THR A 201 13.58 -2.51 -5.50
N SER A 202 13.27 -3.75 -5.82
CA SER A 202 12.40 -4.56 -4.97
C SER A 202 13.01 -4.75 -3.57
N ALA A 203 14.33 -4.74 -3.48
CA ALA A 203 14.99 -4.77 -2.19
C ALA A 203 14.81 -3.48 -1.41
N SER A 204 14.65 -2.34 -2.10
CA SER A 204 14.33 -1.10 -1.39
C SER A 204 12.85 -1.12 -0.98
N ASP A 205 12.02 -1.74 -1.81
CA ASP A 205 10.63 -1.99 -1.41
C ASP A 205 10.51 -2.89 -0.14
N ALA A 206 11.38 -3.90 -0.02
CA ALA A 206 11.48 -4.73 1.22
C ALA A 206 11.74 -3.84 2.46
N TRP A 207 12.64 -2.86 2.35
CA TRP A 207 12.87 -1.91 3.44
C TRP A 207 11.60 -1.21 3.83
N SER A 208 10.94 -0.55 2.86
CA SER A 208 9.64 0.04 3.06
C SER A 208 8.63 -0.92 3.67
N TYR A 209 8.62 -2.19 3.20
CA TYR A 209 7.70 -3.17 3.80
C TYR A 209 7.94 -3.33 5.29
N GLY A 210 9.20 -3.34 5.68
CA GLY A 210 9.57 -3.35 7.12
C GLY A 210 8.94 -2.20 7.90
N ILE A 211 8.98 -1.01 7.31
CA ILE A 211 8.38 0.17 7.94
C ILE A 211 6.90 -0.04 8.04
N VAL A 212 6.30 -0.61 6.98
CA VAL A 212 4.88 -0.89 7.01
C VAL A 212 4.53 -1.92 8.12
N MET A 213 5.28 -3.01 8.24
CA MET A 213 5.09 -3.88 9.42
C MET A 213 5.07 -3.08 10.72
N TRP A 214 6.04 -2.20 10.90
CA TRP A 214 6.14 -1.37 12.15
C TRP A 214 4.88 -0.51 12.34
N GLU A 215 4.43 0.12 11.26
CA GLU A 215 3.17 0.89 11.28
C GLU A 215 1.96 0.09 11.67
N VAL A 216 1.82 -1.14 11.13
CA VAL A 216 0.73 -2.01 11.46
C VAL A 216 0.79 -2.38 12.95
N MET A 217 1.94 -2.82 13.45
CA MET A 217 2.00 -3.30 14.82
C MET A 217 1.94 -2.17 15.85
N SER A 218 2.11 -0.92 15.39
CA SER A 218 1.92 0.27 16.23
C SER A 218 0.55 0.93 15.98
N PHE A 219 -0.33 0.25 15.25
CA PHE A 219 -1.67 0.75 14.92
C PHE A 219 -1.66 2.16 14.33
N GLY A 220 -0.83 2.35 13.30
CA GLY A 220 -0.81 3.60 12.53
C GLY A 220 -0.08 4.81 13.12
N GLU A 221 0.77 4.58 14.09
CA GLU A 221 1.71 5.58 14.49
C GLU A 221 2.61 5.94 13.30
N ARG A 222 2.99 7.21 13.25
CA ARG A 222 3.97 7.67 12.28
C ARG A 222 5.36 7.14 12.63
N PRO A 223 6.06 6.55 11.62
CA PRO A 223 7.43 6.07 11.79
C PRO A 223 8.36 7.20 12.26
N TYR A 224 9.21 6.94 13.23
CA TYR A 224 10.08 7.99 13.75
C TYR A 224 9.23 9.20 14.18
N TRP A 225 8.17 8.87 14.93
CA TRP A 225 7.14 9.75 15.45
C TRP A 225 7.50 11.24 15.45
N ASP A 226 8.57 11.54 16.19
CA ASP A 226 8.88 12.88 16.66
C ASP A 226 10.15 13.42 16.04
N MET A 227 10.66 12.71 15.03
CA MET A 227 11.91 13.07 14.35
C MET A 227 11.58 13.75 13.03
N SER A 228 12.39 14.74 12.68
CA SER A 228 12.41 15.32 11.34
C SER A 228 13.02 14.32 10.36
N ASN A 229 12.78 14.54 9.06
CA ASN A 229 13.48 13.77 8.01
C ASN A 229 15.01 13.71 8.13
N GLN A 230 15.67 14.85 8.32
CA GLN A 230 17.12 14.87 8.49
C GLN A 230 17.57 14.05 9.71
N ASP A 231 16.84 14.18 10.82
CA ASP A 231 17.08 13.35 12.00
C ASP A 231 16.99 11.85 11.67
N VAL A 232 16.05 11.45 10.82
CA VAL A 232 15.84 10.03 10.50
C VAL A 232 17.01 9.48 9.69
N ILE A 233 17.43 10.23 8.67
CA ILE A 233 18.57 9.85 7.84
C ILE A 233 19.82 9.79 8.71
N ASN A 234 20.02 10.81 9.54
CA ASN A 234 21.11 10.81 10.52
C ASN A 234 21.09 9.55 11.39
N ALA A 235 19.90 9.21 11.89
CA ALA A 235 19.74 8.06 12.78
C ALA A 235 20.10 6.76 12.06
N ILE A 236 19.61 6.63 10.83
CA ILE A 236 19.79 5.41 10.04
C ILE A 236 21.25 5.17 9.67
N GLU A 237 21.98 6.26 9.42
CA GLU A 237 23.41 6.21 9.16
C GLU A 237 24.23 5.80 10.41
N GLN A 238 23.70 6.08 11.60
CA GLN A 238 24.33 5.62 12.83
C GLN A 238 23.79 4.26 13.26
N ASP A 239 23.12 3.56 12.33
CA ASP A 239 22.56 2.20 12.55
C ASP A 239 21.46 2.11 13.60
N TYR A 240 20.77 3.23 13.86
CA TYR A 240 19.56 3.22 14.68
C TYR A 240 18.48 2.48 13.91
N ARG A 241 17.68 1.70 14.63
CA ARG A 241 16.50 1.07 14.03
C ARG A 241 15.32 1.26 14.94
N LEU A 242 14.12 1.27 14.36
CA LEU A 242 12.94 1.45 15.16
C LEU A 242 12.81 0.28 16.15
N PRO A 243 12.40 0.57 17.39
CA PRO A 243 12.26 -0.49 18.41
C PRO A 243 11.00 -1.33 18.20
N PRO A 244 10.86 -2.45 18.95
CA PRO A 244 9.59 -3.20 18.91
C PRO A 244 8.42 -2.33 19.40
N PRO A 245 7.34 -2.23 18.60
CA PRO A 245 6.12 -1.54 19.12
C PRO A 245 5.56 -2.25 20.35
N PRO A 246 4.80 -1.53 21.18
CA PRO A 246 4.16 -2.17 22.33
C PRO A 246 3.39 -3.44 21.95
N ASP A 247 3.62 -4.49 22.73
CA ASP A 247 2.94 -5.77 22.61
C ASP A 247 3.31 -6.52 21.34
N CYS A 248 4.44 -6.17 20.71
CA CYS A 248 4.75 -6.76 19.42
C CYS A 248 5.58 -8.01 19.62
N PRO A 249 5.15 -9.17 19.07
CA PRO A 249 5.99 -10.36 19.26
C PRO A 249 7.40 -10.17 18.71
N THR A 250 8.38 -10.74 19.39
CA THR A 250 9.77 -10.65 18.95
C THR A 250 9.98 -11.18 17.54
N SER A 251 9.23 -12.20 17.15
CA SER A 251 9.44 -12.80 15.83
C SER A 251 9.15 -11.75 14.75
N LEU A 252 8.11 -10.95 14.95
CA LEU A 252 7.74 -9.92 13.96
C LEU A 252 8.74 -8.80 13.92
N HIS A 253 9.27 -8.39 15.08
CA HIS A 253 10.20 -7.27 15.09
C HIS A 253 11.52 -7.66 14.44
N GLN A 254 11.98 -8.87 14.70
CA GLN A 254 13.15 -9.39 14.01
C GLN A 254 13.00 -9.43 12.46
N LEU A 255 11.83 -9.79 11.95
CA LEU A 255 11.62 -9.72 10.48
C LEU A 255 11.69 -8.26 9.99
N MET A 256 11.20 -7.32 10.80
CA MET A 256 11.40 -5.89 10.47
C MET A 256 12.88 -5.62 10.34
N LEU A 257 13.65 -6.04 11.35
CA LEU A 257 15.11 -5.75 11.35
C LEU A 257 15.78 -6.42 10.15
N ASP A 258 15.31 -7.59 9.75
CA ASP A 258 15.83 -8.27 8.55
C ASP A 258 15.56 -7.42 7.26
N CYS A 259 14.35 -6.87 7.15
CA CYS A 259 14.01 -5.94 6.05
C CYS A 259 14.82 -4.65 6.09
N TRP A 260 15.33 -4.30 7.27
CA TRP A 260 16.11 -3.10 7.43
C TRP A 260 17.60 -3.34 7.47
N GLN A 261 18.06 -4.44 6.87
CA GLN A 261 19.50 -4.64 6.82
C GLN A 261 20.08 -3.61 5.88
N LYS A 262 21.22 -3.01 6.28
CA LYS A 262 21.91 -2.04 5.43
C LYS A 262 22.26 -2.61 4.04
N ASP A 263 22.77 -3.83 4.01
CA ASP A 263 23.09 -4.47 2.74
C ASP A 263 21.75 -4.97 2.17
N ARG A 264 21.34 -4.40 1.04
CA ARG A 264 20.04 -4.73 0.49
C ARG A 264 19.91 -6.16 -0.02
N ASN A 265 21.07 -6.76 -0.30
CA ASN A 265 21.13 -8.15 -0.72
C ASN A 265 20.88 -9.08 0.45
N ALA A 266 21.09 -8.59 1.68
CA ALA A 266 20.86 -9.43 2.88
C ALA A 266 19.39 -9.45 3.30
N ARG A 267 18.60 -8.53 2.74
CA ARG A 267 17.18 -8.41 3.09
C ARG A 267 16.43 -9.60 2.49
N PRO A 268 15.39 -10.08 3.19
CA PRO A 268 14.62 -11.13 2.58
C PRO A 268 13.86 -10.59 1.36
N ARG A 269 13.84 -11.39 0.31
CA ARG A 269 12.91 -11.18 -0.79
C ARG A 269 11.49 -11.48 -0.33
N PHE A 270 10.52 -10.99 -1.10
CA PHE A 270 9.11 -11.11 -0.69
C PHE A 270 8.52 -12.53 -0.63
N PRO A 271 8.95 -13.47 -1.50
CA PRO A 271 8.57 -14.86 -1.22
C PRO A 271 9.02 -15.32 0.17
N GLN A 272 10.22 -14.94 0.59
CA GLN A 272 10.74 -15.28 1.93
C GLN A 272 9.99 -14.53 3.04
N VAL A 273 9.62 -13.28 2.79
CA VAL A 273 8.80 -12.53 3.79
C VAL A 273 7.48 -13.27 4.00
N VAL A 274 6.83 -13.65 2.90
CA VAL A 274 5.56 -14.37 3.00
C VAL A 274 5.74 -15.70 3.73
N SER A 275 6.79 -16.44 3.40
CA SER A 275 7.02 -17.75 4.05
C SER A 275 7.19 -17.58 5.56
N ALA A 276 7.90 -16.53 5.94
CA ALA A 276 8.22 -16.29 7.35
C ALA A 276 6.94 -15.96 8.12
N LEU A 277 6.06 -15.15 7.52
CA LEU A 277 4.75 -14.85 8.09
C LEU A 277 3.84 -16.08 8.16
N ASP A 278 3.86 -16.90 7.10
CA ASP A 278 3.11 -18.17 7.11
C ASP A 278 3.56 -19.13 8.22
N LYS A 279 4.84 -19.11 8.56
CA LYS A 279 5.31 -19.94 9.66
C LYS A 279 4.72 -19.49 10.98
N MET A 280 4.77 -18.18 11.22
CA MET A 280 4.24 -17.62 12.45
C MET A 280 2.76 -17.97 12.61
N ILE A 281 2.00 -17.81 11.53
CA ILE A 281 0.58 -18.13 11.46
C ILE A 281 0.29 -19.59 11.83
N ARG A 282 1.04 -20.55 11.29
CA ARG A 282 0.85 -21.98 11.63
C ARG A 282 1.40 -22.37 12.98
N ASN A 283 2.17 -21.49 13.60
CA ASN A 283 2.78 -21.76 14.92
C ASN A 283 2.50 -20.58 15.85
N PRO A 284 1.22 -20.30 16.11
CA PRO A 284 0.82 -19.00 16.60
C PRO A 284 1.04 -18.75 18.10
N ALA A 285 1.66 -19.70 18.82
CA ALA A 285 2.32 -19.38 20.09
C ALA A 285 3.50 -18.44 19.84
N SER A 286 4.07 -18.50 18.63
CA SER A 286 5.10 -17.53 18.23
C SER A 286 4.55 -16.11 18.16
N LEU A 287 3.22 -15.96 18.21
CA LEU A 287 2.59 -14.63 18.15
C LEU A 287 2.02 -14.22 19.51
N LYS A 288 2.47 -14.90 20.56
CA LYS A 288 2.22 -14.46 21.93
C LYS A 288 3.21 -13.34 22.26
#